data_9GWC
#
_entry.id   9GWC
#
_cell.length_a   93.597
_cell.length_b   61.265
_cell.length_c   119.820
_cell.angle_alpha   90.000
_cell.angle_beta   101.984
_cell.angle_gamma   90.000
#
_symmetry.space_group_name_H-M   'C 1 2 1'
#
loop_
_entity.id
_entity.type
_entity.pdbx_description
1 polymer 'Peroxisome proliferator-activated receptor gamma'
2 non-polymer '4-[5-chloranyl-1-[2-chloranyl-6-(trifluoromethyl)phenyl]carbonyl-indazol-3-yl]-3-[[(2~{S})-oxan-2-yl]methoxy]benzoic acid'
3 water water
#
_entity_poly.entity_id   1
_entity_poly.type   'polypeptide(L)'
_entity_poly.pdbx_seq_one_letter_code
;GSHMESADLRALAKHLYDSYIKSFPLTKAKARAILTGKTTDKSPFVIYDMNSLMMGEDKIKFKHITPLQEQSKEVAIRIF
QGCQFRSVEAVQEITEYAKSIPGFVNLDLNDQVTLLKYGVHEIIYTMLASLMNKDGVLISEGQGFMTREFLKSLRKPFGD
FMEPKFEFAVKFNALELDDSDLAIFIAVIILSGDRPGLLNVKPIEDIQDNLLQALELQLKLNHPESSQLFAKLLQKMTDL
RQIVTEHVQLLQVIKKTETDMSLHPLLQEIYKDLY
;
_entity_poly.pdbx_strand_id   A,B
#
loop_
_chem_comp.id
_chem_comp.type
_chem_comp.name
_chem_comp.formula
A1IPX non-polymer '4-[5-chloranyl-1-[2-chloranyl-6-(trifluoromethyl)phenyl]carbonyl-indazol-3-yl]-3-[[(2~{S})-oxan-2-yl]methoxy]benzoic acid' 'C28 H21 Cl2 F3 N2 O5'
#
# COMPACT_ATOMS: atom_id res chain seq x y z
N HIS A 3 3.86 26.53 0.79
CA HIS A 3 4.88 26.07 -0.14
C HIS A 3 4.57 26.62 -1.54
N MET A 4 3.36 26.31 -2.04
CA MET A 4 2.83 26.92 -3.27
C MET A 4 1.52 27.64 -2.99
N GLU A 5 1.21 28.66 -3.81
CA GLU A 5 0.02 29.47 -3.62
C GLU A 5 -1.12 28.97 -4.52
N SER A 6 -2.34 29.19 -4.04
CA SER A 6 -3.56 28.69 -4.66
C SER A 6 -3.61 28.83 -6.18
N ALA A 7 -3.37 30.06 -6.67
CA ALA A 7 -3.48 30.35 -8.10
C ALA A 7 -2.54 29.50 -8.94
N ASP A 8 -1.32 29.30 -8.42
CA ASP A 8 -0.34 28.44 -9.06
C ASP A 8 -0.76 26.97 -9.05
N LEU A 9 -1.39 26.53 -7.95
CA LEU A 9 -1.90 25.18 -7.86
C LEU A 9 -3.07 24.93 -8.83
N ARG A 10 -3.92 25.94 -9.01
CA ARG A 10 -5.00 25.87 -9.99
C ARG A 10 -4.44 25.85 -11.40
N ALA A 11 -3.42 26.67 -11.65
CA ALA A 11 -2.77 26.72 -12.96
C ALA A 11 -2.16 25.36 -13.31
N LEU A 12 -1.54 24.71 -12.31
CA LEU A 12 -0.94 23.39 -12.52
C LEU A 12 -2.01 22.34 -12.80
N ALA A 13 -3.13 22.39 -12.08
CA ALA A 13 -4.25 21.50 -12.34
C ALA A 13 -4.80 21.64 -13.77
N LYS A 14 -4.94 22.89 -14.24
CA LYS A 14 -5.42 23.15 -15.59
C LYS A 14 -4.45 22.60 -16.63
N HIS A 15 -3.16 22.86 -16.41
CA HIS A 15 -2.13 22.36 -17.29
C HIS A 15 -2.21 20.85 -17.42
N LEU A 16 -2.32 20.14 -16.31
CA LEU A 16 -2.35 18.69 -16.33
C LEU A 16 -3.63 18.14 -16.97
N TYR A 17 -4.78 18.77 -16.68
CA TYR A 17 -6.03 18.34 -17.29
C TYR A 17 -5.96 18.48 -18.81
N ASP A 18 -5.57 19.66 -19.28
CA ASP A 18 -5.41 19.92 -20.70
C ASP A 18 -4.50 18.90 -21.40
N SER A 19 -3.42 18.50 -20.73
CA SER A 19 -2.46 17.58 -21.32
C SER A 19 -2.98 16.15 -21.31
N TYR A 20 -3.74 15.81 -20.27
CA TYR A 20 -4.42 14.52 -20.17
C TYR A 20 -5.41 14.34 -21.32
N ILE A 21 -6.14 15.39 -21.68
CA ILE A 21 -7.06 15.33 -22.81
C ILE A 21 -6.30 15.09 -24.12
N LYS A 22 -5.16 15.77 -24.29
CA LYS A 22 -4.37 15.63 -25.50
C LYS A 22 -3.75 14.23 -25.63
N SER A 23 -3.36 13.63 -24.49
CA SER A 23 -2.64 12.38 -24.48
C SER A 23 -3.48 11.11 -24.63
N PHE A 24 -4.69 11.14 -24.09
CA PHE A 24 -5.49 9.94 -23.94
C PHE A 24 -6.75 10.10 -24.79
N PRO A 25 -7.00 9.21 -25.76
CA PRO A 25 -8.07 9.42 -26.73
C PRO A 25 -9.48 9.21 -26.16
N LEU A 26 -9.62 8.31 -25.19
CA LEU A 26 -10.91 8.02 -24.61
C LEU A 26 -10.98 8.42 -23.14
N THR A 27 -11.58 9.59 -22.88
CA THR A 27 -11.71 10.10 -21.52
C THR A 27 -12.78 9.36 -20.72
N LYS A 28 -12.74 9.53 -19.40
CA LYS A 28 -13.81 9.00 -18.55
C LYS A 28 -15.17 9.56 -18.91
N ALA A 29 -15.22 10.86 -19.24
CA ALA A 29 -16.46 11.53 -19.60
C ALA A 29 -17.10 10.90 -20.84
N LYS A 30 -16.30 10.62 -21.87
CA LYS A 30 -16.79 9.95 -23.06
C LYS A 30 -17.25 8.54 -22.72
N ALA A 31 -16.42 7.81 -21.96
CA ALA A 31 -16.76 6.46 -21.56
C ALA A 31 -18.09 6.39 -20.81
N ARG A 32 -18.32 7.29 -19.85
CA ARG A 32 -19.57 7.28 -19.09
C ARG A 32 -20.79 7.60 -19.97
N ALA A 33 -20.64 8.51 -20.94
CA ALA A 33 -21.72 8.84 -21.85
C ALA A 33 -22.12 7.61 -22.66
N ILE A 34 -21.11 6.84 -23.08
CA ILE A 34 -21.38 5.60 -23.81
C ILE A 34 -22.01 4.57 -22.90
N LEU A 35 -21.47 4.38 -21.69
CA LEU A 35 -21.94 3.32 -20.81
C LEU A 35 -23.38 3.51 -20.33
N THR A 36 -23.79 4.77 -20.13
CA THR A 36 -25.10 5.09 -19.57
C THR A 36 -26.11 5.33 -20.70
N GLY A 37 -25.65 5.97 -21.77
CA GLY A 37 -26.36 5.96 -23.04
C GLY A 37 -27.52 6.94 -23.11
N LYS A 38 -28.69 6.40 -23.45
CA LYS A 38 -29.84 7.19 -23.88
C LYS A 38 -29.44 7.95 -25.14
N THR A 39 -28.32 7.56 -25.77
CA THR A 39 -27.79 8.22 -26.96
C THR A 39 -27.77 7.20 -28.10
N THR A 40 -28.45 7.52 -29.21
CA THR A 40 -28.46 6.65 -30.39
C THR A 40 -27.14 6.52 -31.17
N ASP A 41 -26.30 7.57 -31.17
CA ASP A 41 -25.11 7.59 -32.02
C ASP A 41 -23.86 6.93 -31.44
N LYS A 42 -23.83 6.78 -30.11
CA LYS A 42 -22.67 6.27 -29.41
C LYS A 42 -22.86 4.88 -28.85
N SER A 43 -23.83 4.10 -29.36
CA SER A 43 -24.20 2.84 -28.73
C SER A 43 -23.27 1.70 -29.13
N PRO A 44 -22.68 0.98 -28.16
CA PRO A 44 -21.68 -0.03 -28.48
C PRO A 44 -22.30 -1.38 -28.88
N PHE A 45 -21.61 -2.07 -29.80
CA PHE A 45 -21.88 -3.49 -30.01
C PHE A 45 -21.41 -4.30 -28.80
N VAL A 46 -22.29 -5.17 -28.30
CA VAL A 46 -22.04 -5.93 -27.09
C VAL A 46 -21.65 -7.38 -27.37
N ILE A 47 -20.47 -7.77 -26.88
CA ILE A 47 -19.94 -9.12 -26.99
C ILE A 47 -20.12 -9.82 -25.64
N TYR A 48 -20.95 -10.87 -25.63
CA TYR A 48 -21.33 -11.58 -24.43
C TYR A 48 -21.13 -13.09 -24.54
N ASP A 49 -20.74 -13.57 -25.73
CA ASP A 49 -20.51 -14.98 -26.01
C ASP A 49 -19.73 -15.14 -27.31
N MET A 50 -19.50 -16.39 -27.73
CA MET A 50 -18.69 -16.69 -28.89
C MET A 50 -19.26 -16.14 -30.21
N ASN A 51 -20.58 -16.31 -30.41
CA ASN A 51 -21.19 -15.90 -31.66
C ASN A 51 -21.15 -14.39 -31.84
N SER A 52 -21.41 -13.66 -30.75
CA SER A 52 -21.40 -12.21 -30.82
C SER A 52 -19.97 -11.69 -31.00
N LEU A 53 -18.98 -12.36 -30.40
CA LEU A 53 -17.60 -12.01 -30.68
C LEU A 53 -17.33 -12.07 -32.19
N MET A 54 -17.74 -13.17 -32.82
CA MET A 54 -17.56 -13.34 -34.25
C MET A 54 -18.22 -12.22 -35.05
N MET A 55 -19.43 -11.81 -34.64
CA MET A 55 -20.17 -10.76 -35.34
C MET A 55 -19.49 -9.40 -35.10
N GLY A 56 -19.02 -9.18 -33.87
CA GLY A 56 -18.34 -7.95 -33.51
C GLY A 56 -17.14 -7.59 -34.36
N GLU A 57 -16.39 -8.61 -34.81
CA GLU A 57 -15.21 -8.40 -35.64
C GLU A 57 -15.57 -8.05 -37.09
N ASP A 58 -16.76 -8.49 -37.55
CA ASP A 58 -17.30 -8.02 -38.83
C ASP A 58 -17.72 -6.55 -38.77
N LYS A 59 -18.23 -6.15 -37.60
CA LYS A 59 -18.92 -4.87 -37.44
C LYS A 59 -18.01 -3.73 -36.97
N ILE A 60 -16.88 -4.06 -36.34
CA ILE A 60 -15.96 -3.04 -35.83
C ILE A 60 -14.73 -2.87 -36.74
N GLU A 74 -7.53 -19.54 -30.96
CA GLU A 74 -8.25 -19.85 -29.73
C GLU A 74 -8.63 -18.57 -29.00
N VAL A 75 -9.90 -18.50 -28.56
CA VAL A 75 -10.51 -17.25 -28.17
C VAL A 75 -9.80 -16.57 -27.01
N ALA A 76 -9.46 -17.35 -25.98
CA ALA A 76 -8.93 -16.80 -24.74
C ALA A 76 -7.56 -16.19 -25.00
N ILE A 77 -6.80 -16.79 -25.93
CA ILE A 77 -5.53 -16.24 -26.37
C ILE A 77 -5.74 -14.92 -27.10
N ARG A 78 -6.69 -14.92 -28.05
CA ARG A 78 -6.95 -13.73 -28.86
C ARG A 78 -7.35 -12.53 -28.00
N ILE A 79 -8.20 -12.77 -27.00
CA ILE A 79 -8.61 -11.73 -26.09
C ILE A 79 -7.41 -11.25 -25.26
N PHE A 80 -6.59 -12.19 -24.80
CA PHE A 80 -5.42 -11.86 -24.01
C PHE A 80 -4.52 -10.93 -24.81
N GLN A 81 -4.28 -11.30 -26.07
CA GLN A 81 -3.43 -10.52 -26.95
C GLN A 81 -4.03 -9.14 -27.20
N GLY A 82 -5.35 -9.05 -27.26
CA GLY A 82 -6.04 -7.77 -27.31
C GLY A 82 -5.71 -6.85 -26.13
N CYS A 83 -5.72 -7.42 -24.91
CA CYS A 83 -5.35 -6.70 -23.70
C CYS A 83 -3.91 -6.21 -23.80
N GLN A 84 -3.02 -7.08 -24.29
CA GLN A 84 -1.61 -6.78 -24.45
C GLN A 84 -1.41 -5.62 -25.42
N PHE A 85 -2.07 -5.67 -26.59
CA PHE A 85 -1.97 -4.63 -27.60
C PHE A 85 -2.39 -3.26 -27.05
N ARG A 86 -3.53 -3.22 -26.36
CA ARG A 86 -3.99 -1.95 -25.80
C ARG A 86 -3.09 -1.45 -24.67
N SER A 87 -2.55 -2.37 -23.87
CA SER A 87 -1.64 -1.99 -22.80
C SER A 87 -0.37 -1.36 -23.34
N VAL A 88 0.14 -1.87 -24.47
CA VAL A 88 1.31 -1.28 -25.12
C VAL A 88 0.99 0.10 -25.65
N GLU A 89 -0.22 0.26 -26.24
CA GLU A 89 -0.66 1.58 -26.65
C GLU A 89 -0.75 2.49 -25.44
N ALA A 90 -1.27 1.97 -24.33
CA ALA A 90 -1.44 2.77 -23.13
C ALA A 90 -0.09 3.24 -22.59
N VAL A 91 0.92 2.38 -22.62
CA VAL A 91 2.26 2.77 -22.20
C VAL A 91 2.74 3.99 -23.00
N GLN A 92 2.52 3.96 -24.31
CA GLN A 92 2.85 5.07 -25.19
C GLN A 92 2.13 6.35 -24.78
N GLU A 93 0.81 6.24 -24.52
CA GLU A 93 0.01 7.38 -24.14
C GLU A 93 0.49 7.95 -22.80
N ILE A 94 0.74 7.08 -21.83
CA ILE A 94 1.20 7.48 -20.51
C ILE A 94 2.58 8.13 -20.57
N THR A 95 3.46 7.61 -21.41
CA THR A 95 4.79 8.18 -21.59
C THR A 95 4.72 9.59 -22.15
N GLU A 96 3.82 9.83 -23.11
CA GLU A 96 3.63 11.16 -23.65
C GLU A 96 3.08 12.14 -22.60
N TYR A 97 2.10 11.68 -21.81
CA TYR A 97 1.57 12.47 -20.71
C TYR A 97 2.64 12.83 -19.70
N ALA A 98 3.44 11.84 -19.28
CA ALA A 98 4.50 12.06 -18.30
C ALA A 98 5.44 13.19 -18.68
N LYS A 99 5.82 13.24 -19.96
CA LYS A 99 6.67 14.30 -20.47
C LYS A 99 6.10 15.70 -20.25
N SER A 100 4.77 15.82 -20.15
CA SER A 100 4.14 17.12 -19.95
C SER A 100 4.14 17.55 -18.49
N ILE A 101 4.46 16.64 -17.56
CA ILE A 101 4.45 16.95 -16.14
C ILE A 101 5.66 17.83 -15.81
N PRO A 102 5.45 19.08 -15.32
CA PRO A 102 6.57 19.99 -15.12
C PRO A 102 7.64 19.40 -14.22
N GLY A 103 8.88 19.39 -14.73
CA GLY A 103 10.03 18.87 -14.01
C GLY A 103 10.44 17.48 -14.47
N PHE A 104 9.51 16.68 -15.02
CA PHE A 104 9.79 15.28 -15.31
C PHE A 104 10.94 15.12 -16.30
N VAL A 105 10.88 15.85 -17.42
CA VAL A 105 11.88 15.67 -18.46
C VAL A 105 13.23 16.23 -18.03
N ASN A 106 13.26 17.04 -16.96
CA ASN A 106 14.52 17.59 -16.47
C ASN A 106 15.25 16.65 -15.51
N LEU A 107 14.59 15.58 -15.05
CA LEU A 107 15.21 14.61 -14.16
C LEU A 107 16.30 13.82 -14.86
N ASP A 108 17.19 13.21 -14.08
CA ASP A 108 18.12 12.22 -14.60
C ASP A 108 17.38 11.21 -15.49
N LEU A 109 17.97 10.89 -16.65
CA LEU A 109 17.33 10.04 -17.63
C LEU A 109 17.07 8.61 -17.14
N ASN A 110 18.01 8.05 -16.35
CA ASN A 110 17.79 6.74 -15.75
C ASN A 110 16.55 6.74 -14.81
N ASP A 111 16.36 7.84 -14.08
CA ASP A 111 15.26 7.99 -13.17
C ASP A 111 13.94 8.15 -13.92
N GLN A 112 13.95 8.79 -15.09
CA GLN A 112 12.76 8.87 -15.92
C GLN A 112 12.30 7.47 -16.31
N VAL A 113 13.25 6.64 -16.76
CA VAL A 113 12.96 5.27 -17.13
C VAL A 113 12.39 4.48 -15.94
N THR A 114 13.07 4.57 -14.79
CA THR A 114 12.61 3.92 -13.58
C THR A 114 11.18 4.31 -13.17
N LEU A 115 10.88 5.61 -13.19
CA LEU A 115 9.57 6.08 -12.78
C LEU A 115 8.48 5.53 -13.68
N LEU A 116 8.73 5.55 -15.00
CA LEU A 116 7.78 5.01 -15.96
C LEU A 116 7.64 3.50 -15.81
N LYS A 117 8.76 2.81 -15.66
CA LYS A 117 8.79 1.37 -15.55
C LYS A 117 7.90 0.83 -14.45
N TYR A 118 7.96 1.47 -13.28
CA TYR A 118 7.19 1.07 -12.12
C TYR A 118 5.81 1.71 -12.00
N GLY A 119 5.54 2.72 -12.80
CA GLY A 119 4.31 3.49 -12.69
C GLY A 119 3.27 3.11 -13.72
N VAL A 120 3.72 2.65 -14.89
CA VAL A 120 2.80 2.41 -15.99
C VAL A 120 1.69 1.42 -15.61
N HIS A 121 2.04 0.34 -14.91
CA HIS A 121 1.05 -0.68 -14.59
C HIS A 121 -0.05 -0.15 -13.68
N GLU A 122 0.35 0.59 -12.65
CA GLU A 122 -0.58 1.19 -11.71
C GLU A 122 -1.53 2.15 -12.42
N ILE A 123 -0.98 2.94 -13.35
CA ILE A 123 -1.79 3.89 -14.10
C ILE A 123 -2.75 3.21 -15.07
N ILE A 124 -2.31 2.13 -15.72
CA ILE A 124 -3.15 1.38 -16.63
C ILE A 124 -4.37 0.84 -15.90
N TYR A 125 -4.17 0.28 -14.69
CA TYR A 125 -5.27 -0.23 -13.89
C TYR A 125 -6.23 0.89 -13.54
N THR A 126 -5.67 2.04 -13.13
CA THR A 126 -6.47 3.19 -12.75
C THR A 126 -7.38 3.64 -13.88
N MET A 127 -6.81 3.72 -15.08
CA MET A 127 -7.49 4.31 -16.23
C MET A 127 -8.42 3.29 -16.88
N LEU A 128 -8.09 2.01 -16.74
CA LEU A 128 -8.98 0.94 -17.16
C LEU A 128 -10.33 1.00 -16.46
N ALA A 129 -10.32 1.35 -15.17
CA ALA A 129 -11.54 1.51 -14.40
C ALA A 129 -12.50 2.52 -15.02
N SER A 130 -11.95 3.57 -15.65
CA SER A 130 -12.78 4.56 -16.31
C SER A 130 -13.64 3.96 -17.42
N LEU A 131 -13.18 2.81 -17.97
CA LEU A 131 -13.84 2.15 -19.08
C LEU A 131 -14.78 1.03 -18.64
N MET A 132 -14.88 0.82 -17.32
CA MET A 132 -15.60 -0.31 -16.74
C MET A 132 -16.84 0.14 -15.95
N ASN A 133 -17.82 -0.77 -15.89
CA ASN A 133 -18.81 -0.78 -14.83
C ASN A 133 -18.87 -2.22 -14.34
N LYS A 134 -19.85 -2.53 -13.50
CA LYS A 134 -19.92 -3.87 -12.91
C LYS A 134 -20.23 -4.96 -13.92
N ASP A 135 -20.70 -4.59 -15.11
CA ASP A 135 -21.13 -5.57 -16.10
C ASP A 135 -20.18 -5.79 -17.28
N GLY A 136 -19.19 -4.89 -17.49
CA GLY A 136 -18.19 -5.12 -18.52
C GLY A 136 -17.29 -3.93 -18.82
N VAL A 137 -16.61 -4.00 -19.98
CA VAL A 137 -15.59 -3.04 -20.34
C VAL A 137 -15.74 -2.55 -21.77
N LEU A 138 -15.55 -1.24 -21.97
CA LEU A 138 -15.50 -0.67 -23.31
C LEU A 138 -14.21 -1.05 -24.02
N ILE A 139 -14.31 -1.31 -25.32
CA ILE A 139 -13.19 -1.70 -26.17
C ILE A 139 -13.28 -0.98 -27.51
N SER A 140 -12.18 -1.05 -28.26
CA SER A 140 -12.09 -0.44 -29.58
C SER A 140 -12.56 1.01 -29.57
N GLU A 141 -11.93 1.81 -28.72
CA GLU A 141 -12.27 3.22 -28.58
C GLU A 141 -13.77 3.41 -28.36
N GLY A 142 -14.37 2.55 -27.54
CA GLY A 142 -15.75 2.73 -27.12
C GLY A 142 -16.81 2.16 -28.07
N GLN A 143 -16.39 1.58 -29.20
CA GLN A 143 -17.31 1.01 -30.18
C GLN A 143 -17.88 -0.34 -29.75
N GLY A 144 -17.18 -0.99 -28.82
CA GLY A 144 -17.58 -2.30 -28.35
C GLY A 144 -17.68 -2.31 -26.83
N PHE A 145 -18.41 -3.31 -26.32
CA PHE A 145 -18.53 -3.54 -24.89
C PHE A 145 -18.48 -5.05 -24.71
N MET A 146 -17.46 -5.52 -23.97
CA MET A 146 -17.33 -6.94 -23.73
C MET A 146 -17.74 -7.20 -22.27
N THR A 147 -18.63 -8.18 -22.08
CA THR A 147 -19.20 -8.43 -20.77
C THR A 147 -18.20 -9.08 -19.82
N ARG A 148 -18.36 -8.76 -18.54
CA ARG A 148 -17.57 -9.34 -17.46
C ARG A 148 -17.77 -10.85 -17.32
N GLU A 149 -19.00 -11.33 -17.55
CA GLU A 149 -19.32 -12.74 -17.48
C GLU A 149 -18.57 -13.54 -18.54
N PHE A 150 -18.50 -12.98 -19.75
CA PHE A 150 -17.78 -13.61 -20.84
C PHE A 150 -16.29 -13.70 -20.51
N LEU A 151 -15.70 -12.58 -20.10
CA LEU A 151 -14.29 -12.53 -19.75
C LEU A 151 -13.92 -13.52 -18.65
N LYS A 152 -14.69 -13.51 -17.55
CA LYS A 152 -14.49 -14.42 -16.44
C LYS A 152 -14.69 -15.91 -16.78
N SER A 153 -15.54 -16.21 -17.76
CA SER A 153 -15.77 -17.60 -18.12
C SER A 153 -14.72 -18.18 -19.08
N LEU A 154 -13.79 -17.35 -19.55
CA LEU A 154 -12.69 -17.85 -20.35
C LEU A 154 -11.93 -18.93 -19.59
N ARG A 155 -11.33 -19.85 -20.35
CA ARG A 155 -10.79 -21.08 -19.81
C ARG A 155 -9.43 -20.91 -19.16
N LYS A 156 -8.88 -22.02 -18.66
CA LYS A 156 -7.50 -22.12 -18.19
C LYS A 156 -7.34 -21.12 -17.06
N PRO A 157 -6.19 -20.41 -16.89
CA PRO A 157 -6.12 -19.30 -15.95
C PRO A 157 -6.60 -17.96 -16.50
N PHE A 158 -7.04 -17.92 -17.78
CA PHE A 158 -7.37 -16.65 -18.41
C PHE A 158 -8.59 -15.96 -17.82
N GLY A 159 -9.64 -16.73 -17.48
CA GLY A 159 -10.80 -16.19 -16.80
C GLY A 159 -10.47 -15.45 -15.51
N ASP A 160 -9.72 -16.12 -14.63
CA ASP A 160 -9.35 -15.56 -13.34
C ASP A 160 -8.31 -14.44 -13.46
N PHE A 161 -7.71 -14.32 -14.65
CA PHE A 161 -6.82 -13.21 -14.93
C PHE A 161 -7.58 -11.92 -15.24
N MET A 162 -8.78 -12.04 -15.81
CA MET A 162 -9.57 -10.87 -16.17
C MET A 162 -10.31 -10.26 -14.99
N GLU A 163 -10.94 -11.13 -14.17
CA GLU A 163 -11.84 -10.70 -13.11
C GLU A 163 -11.26 -9.73 -12.06
N PRO A 164 -10.02 -9.91 -11.52
CA PRO A 164 -9.47 -8.97 -10.56
C PRO A 164 -9.46 -7.50 -10.99
N LYS A 165 -9.37 -7.24 -12.29
CA LYS A 165 -9.44 -5.89 -12.82
C LYS A 165 -10.80 -5.23 -12.56
N PHE A 166 -11.89 -5.99 -12.78
CA PHE A 166 -13.23 -5.52 -12.49
C PHE A 166 -13.45 -5.26 -11.01
N GLU A 167 -12.90 -6.16 -10.19
CA GLU A 167 -13.03 -6.08 -8.75
C GLU A 167 -12.45 -4.78 -8.23
N PHE A 168 -11.27 -4.41 -8.75
CA PHE A 168 -10.69 -3.12 -8.43
C PHE A 168 -11.53 -1.95 -8.97
N ALA A 169 -11.88 -2.01 -10.26
CA ALA A 169 -12.58 -0.91 -10.89
C ALA A 169 -13.88 -0.53 -10.17
N VAL A 170 -14.66 -1.54 -9.74
CA VAL A 170 -15.91 -1.28 -9.04
C VAL A 170 -15.69 -0.44 -7.78
N LYS A 171 -14.70 -0.83 -6.98
CA LYS A 171 -14.35 -0.06 -5.79
C LYS A 171 -13.79 1.32 -6.12
N PHE A 172 -12.90 1.42 -7.11
CA PHE A 172 -12.31 2.70 -7.43
C PHE A 172 -13.36 3.69 -7.97
N ASN A 173 -14.27 3.19 -8.80
CA ASN A 173 -15.30 4.02 -9.41
C ASN A 173 -16.31 4.56 -8.39
N ALA A 174 -16.40 3.93 -7.22
CA ALA A 174 -17.21 4.44 -6.12
C ALA A 174 -16.80 5.84 -5.63
N LEU A 175 -15.54 6.23 -5.87
CA LEU A 175 -15.07 7.56 -5.51
C LEU A 175 -15.61 8.65 -6.42
N GLU A 176 -16.08 8.25 -7.62
CA GLU A 176 -16.65 9.18 -8.58
C GLU A 176 -15.71 10.31 -8.99
N LEU A 177 -14.44 9.98 -9.22
CA LEU A 177 -13.50 10.94 -9.77
C LEU A 177 -13.88 11.29 -11.21
N ASP A 178 -13.60 12.52 -11.62
CA ASP A 178 -13.68 12.86 -13.03
C ASP A 178 -12.27 13.04 -13.59
N ASP A 179 -12.20 13.32 -14.89
CA ASP A 179 -10.94 13.38 -15.60
C ASP A 179 -9.98 14.43 -15.00
N SER A 180 -10.49 15.60 -14.59
CA SER A 180 -9.65 16.64 -14.04
C SER A 180 -8.96 16.20 -12.73
N ASP A 181 -9.65 15.34 -11.97
CA ASP A 181 -9.11 14.72 -10.78
C ASP A 181 -8.04 13.68 -11.13
N LEU A 182 -8.39 12.79 -12.06
CA LEU A 182 -7.51 11.72 -12.48
C LEU A 182 -6.19 12.23 -13.07
N ALA A 183 -6.24 13.35 -13.81
CA ALA A 183 -5.04 13.91 -14.40
C ALA A 183 -3.97 14.15 -13.33
N ILE A 184 -4.38 14.71 -12.20
CA ILE A 184 -3.44 14.98 -11.13
C ILE A 184 -3.01 13.70 -10.40
N PHE A 185 -3.98 12.80 -10.15
CA PHE A 185 -3.69 11.54 -9.48
C PHE A 185 -2.65 10.69 -10.20
N ILE A 186 -2.80 10.59 -11.53
CA ILE A 186 -1.88 9.84 -12.37
C ILE A 186 -0.48 10.43 -12.28
N ALA A 187 -0.38 11.77 -12.27
CA ALA A 187 0.90 12.47 -12.15
C ALA A 187 1.58 12.15 -10.82
N VAL A 188 0.81 12.17 -9.73
CA VAL A 188 1.28 11.78 -8.40
C VAL A 188 1.89 10.38 -8.41
N ILE A 189 1.20 9.41 -9.00
CA ILE A 189 1.71 8.05 -9.14
C ILE A 189 3.07 8.02 -9.85
N ILE A 190 3.19 8.72 -10.98
CA ILE A 190 4.41 8.66 -11.77
C ILE A 190 5.60 9.18 -10.97
N LEU A 191 5.42 10.32 -10.29
CA LEU A 191 6.48 10.96 -9.51
C LEU A 191 6.61 10.40 -8.10
N SER A 192 6.74 9.08 -7.99
CA SER A 192 6.93 8.40 -6.72
C SER A 192 8.42 8.25 -6.40
N GLY A 193 8.88 8.90 -5.33
CA GLY A 193 10.27 8.83 -4.93
C GLY A 193 10.70 7.52 -4.24
N ASP A 194 9.77 6.59 -4.05
CA ASP A 194 10.08 5.33 -3.40
C ASP A 194 10.28 4.17 -4.37
N ARG A 195 10.39 4.44 -5.67
CA ARG A 195 10.62 3.37 -6.64
C ARG A 195 12.01 2.80 -6.44
N PRO A 196 12.23 1.47 -6.67
CA PRO A 196 13.55 0.88 -6.55
C PRO A 196 14.57 1.41 -7.55
N GLY A 197 15.76 1.73 -7.06
CA GLY A 197 16.90 2.07 -7.90
C GLY A 197 16.95 3.54 -8.37
N LEU A 198 16.04 4.38 -7.87
CA LEU A 198 16.11 5.81 -8.15
C LEU A 198 17.43 6.36 -7.64
N LEU A 199 18.11 7.16 -8.47
CA LEU A 199 19.38 7.76 -8.13
C LEU A 199 19.25 9.06 -7.35
N ASN A 200 18.26 9.89 -7.70
CA ASN A 200 18.07 11.19 -7.09
C ASN A 200 16.63 11.38 -6.61
N VAL A 201 16.35 10.95 -5.38
CA VAL A 201 15.01 10.96 -4.83
C VAL A 201 14.49 12.38 -4.59
N LYS A 202 15.37 13.28 -4.15
CA LYS A 202 14.97 14.61 -3.71
C LYS A 202 14.18 15.40 -4.75
N PRO A 203 14.68 15.60 -6.00
CA PRO A 203 13.94 16.33 -7.01
C PRO A 203 12.61 15.70 -7.41
N ILE A 204 12.49 14.38 -7.28
CA ILE A 204 11.23 13.68 -7.50
C ILE A 204 10.21 14.05 -6.41
N GLU A 205 10.62 13.95 -5.15
CA GLU A 205 9.72 14.31 -4.05
C GLU A 205 9.31 15.78 -4.10
N ASP A 206 10.22 16.67 -4.54
CA ASP A 206 9.86 18.07 -4.71
C ASP A 206 8.71 18.28 -5.70
N ILE A 207 8.78 17.61 -6.85
CA ILE A 207 7.70 17.70 -7.82
C ILE A 207 6.42 17.07 -7.24
N GLN A 208 6.55 15.90 -6.62
CA GLN A 208 5.39 15.22 -6.08
C GLN A 208 4.69 16.06 -5.02
N ASP A 209 5.44 16.79 -4.19
CA ASP A 209 4.84 17.65 -3.19
C ASP A 209 3.94 18.69 -3.85
N ASN A 210 4.41 19.27 -4.96
CA ASN A 210 3.60 20.21 -5.72
C ASN A 210 2.34 19.57 -6.26
N LEU A 211 2.47 18.36 -6.81
CA LEU A 211 1.34 17.64 -7.36
C LEU A 211 0.32 17.26 -6.28
N LEU A 212 0.83 16.83 -5.11
CA LEU A 212 -0.02 16.49 -3.99
C LEU A 212 -0.81 17.70 -3.47
N GLN A 213 -0.14 18.85 -3.39
CA GLN A 213 -0.83 20.08 -3.04
C GLN A 213 -1.92 20.40 -4.06
N ALA A 214 -1.60 20.19 -5.34
CA ALA A 214 -2.53 20.51 -6.41
C ALA A 214 -3.73 19.58 -6.37
N LEU A 215 -3.48 18.30 -6.09
CA LEU A 215 -4.52 17.29 -5.98
C LEU A 215 -5.44 17.58 -4.81
N GLU A 216 -4.85 17.96 -3.67
CA GLU A 216 -5.60 18.30 -2.47
C GLU A 216 -6.61 19.41 -2.73
N LEU A 217 -6.13 20.53 -3.28
CA LEU A 217 -7.01 21.66 -3.57
C LEU A 217 -8.06 21.31 -4.62
N GLN A 218 -7.65 20.57 -5.66
CA GLN A 218 -8.58 20.14 -6.70
C GLN A 218 -9.76 19.36 -6.11
N LEU A 219 -9.46 18.42 -5.21
CA LEU A 219 -10.48 17.57 -4.64
C LEU A 219 -11.39 18.31 -3.67
N LYS A 220 -10.86 19.31 -2.96
CA LYS A 220 -11.70 20.10 -2.07
C LYS A 220 -12.67 20.99 -2.85
N LEU A 221 -12.20 21.55 -3.97
CA LEU A 221 -13.04 22.42 -4.78
C LEU A 221 -14.04 21.64 -5.63
N ASN A 222 -13.60 20.49 -6.16
CA ASN A 222 -14.42 19.73 -7.08
C ASN A 222 -15.38 18.77 -6.35
N HIS A 223 -15.02 18.37 -5.11
CA HIS A 223 -15.85 17.49 -4.29
C HIS A 223 -15.93 18.00 -2.87
N PRO A 224 -16.50 19.21 -2.63
CA PRO A 224 -16.45 19.82 -1.31
C PRO A 224 -17.26 19.11 -0.24
N GLU A 225 -18.25 18.31 -0.67
CA GLU A 225 -19.07 17.52 0.23
C GLU A 225 -18.45 16.17 0.59
N SER A 226 -17.32 15.83 -0.03
CA SER A 226 -16.73 14.50 0.08
C SER A 226 -15.54 14.54 1.03
N SER A 227 -15.82 14.37 2.33
CA SER A 227 -14.80 14.53 3.37
C SER A 227 -13.63 13.56 3.21
N GLN A 228 -12.41 14.07 3.40
CA GLN A 228 -11.21 13.26 3.34
C GLN A 228 -11.10 12.38 2.09
N LEU A 229 -11.59 12.90 0.95
CA LEU A 229 -11.44 12.20 -0.31
C LEU A 229 -9.97 12.12 -0.73
N PHE A 230 -9.20 13.15 -0.39
CA PHE A 230 -7.76 13.15 -0.63
C PHE A 230 -7.12 11.90 -0.04
N ALA A 231 -7.34 11.69 1.26
CA ALA A 231 -6.83 10.52 1.96
C ALA A 231 -7.35 9.19 1.42
N LYS A 232 -8.66 9.10 1.12
CA LYS A 232 -9.23 7.87 0.57
C LYS A 232 -8.58 7.51 -0.76
N LEU A 233 -8.32 8.53 -1.59
CA LEU A 233 -7.69 8.33 -2.87
C LEU A 233 -6.25 7.85 -2.74
N LEU A 234 -5.45 8.47 -1.85
CA LEU A 234 -4.10 7.99 -1.57
C LEU A 234 -4.11 6.57 -1.02
N GLN A 235 -5.10 6.22 -0.20
CA GLN A 235 -5.25 4.84 0.25
C GLN A 235 -5.49 3.85 -0.89
N LYS A 236 -6.06 4.30 -2.02
CA LYS A 236 -6.19 3.46 -3.20
C LYS A 236 -4.86 3.11 -3.88
N MET A 237 -3.83 3.94 -3.68
CA MET A 237 -2.50 3.61 -4.16
C MET A 237 -2.02 2.29 -3.54
N THR A 238 -2.53 1.95 -2.36
CA THR A 238 -2.26 0.65 -1.77
C THR A 238 -2.90 -0.53 -2.51
N ASP A 239 -4.17 -0.40 -2.89
CA ASP A 239 -4.84 -1.42 -3.69
C ASP A 239 -4.11 -1.60 -5.04
N LEU A 240 -3.57 -0.50 -5.58
CA LEU A 240 -2.89 -0.52 -6.86
C LEU A 240 -1.59 -1.31 -6.79
N ARG A 241 -0.78 -1.05 -5.76
CA ARG A 241 0.48 -1.74 -5.58
C ARG A 241 0.29 -3.25 -5.43
N GLN A 242 -0.73 -3.62 -4.64
CA GLN A 242 -1.00 -5.02 -4.39
C GLN A 242 -1.43 -5.77 -5.66
N ILE A 243 -2.33 -5.17 -6.44
CA ILE A 243 -2.87 -5.85 -7.60
C ILE A 243 -1.86 -5.96 -8.74
N VAL A 244 -1.01 -4.94 -8.90
CA VAL A 244 0.10 -5.05 -9.84
C VAL A 244 1.01 -6.23 -9.49
N THR A 245 1.28 -6.44 -8.19
CA THR A 245 2.07 -7.57 -7.74
C THR A 245 1.42 -8.91 -8.07
N GLU A 246 0.13 -9.04 -7.78
CA GLU A 246 -0.60 -10.24 -8.17
C GLU A 246 -0.54 -10.48 -9.68
N HIS A 247 -0.79 -9.40 -10.44
CA HIS A 247 -0.74 -9.42 -11.90
C HIS A 247 0.54 -10.05 -12.44
N VAL A 248 1.68 -9.58 -11.94
CA VAL A 248 2.99 -10.04 -12.38
C VAL A 248 3.13 -11.54 -12.16
N GLN A 249 2.71 -12.00 -10.98
CA GLN A 249 2.81 -13.40 -10.63
C GLN A 249 1.85 -14.25 -11.47
N LEU A 250 0.68 -13.69 -11.83
CA LEU A 250 -0.26 -14.43 -12.66
C LEU A 250 0.31 -14.57 -14.07
N LEU A 251 0.86 -13.49 -14.60
CA LEU A 251 1.47 -13.49 -15.92
C LEU A 251 2.59 -14.52 -16.05
N GLN A 252 3.39 -14.67 -15.00
CA GLN A 252 4.50 -15.63 -15.00
C GLN A 252 4.05 -17.08 -15.09
N VAL A 253 2.97 -17.42 -14.39
CA VAL A 253 2.37 -18.74 -14.50
C VAL A 253 1.82 -18.99 -15.90
N ILE A 254 1.23 -17.97 -16.52
CA ILE A 254 0.72 -18.07 -17.87
C ILE A 254 1.83 -18.34 -18.88
N LYS A 255 2.97 -17.67 -18.75
CA LYS A 255 4.07 -17.86 -19.67
C LYS A 255 4.60 -19.30 -19.59
N LYS A 256 4.69 -19.85 -18.37
CA LYS A 256 5.19 -21.21 -18.17
C LYS A 256 4.22 -22.30 -18.60
N THR A 257 2.95 -21.94 -18.80
CA THR A 257 1.96 -22.88 -19.33
C THR A 257 1.80 -22.80 -20.85
N GLU A 258 1.82 -21.56 -21.36
CA GLU A 258 1.48 -21.23 -22.74
C GLU A 258 2.75 -20.78 -23.48
N THR A 259 3.73 -21.68 -23.64
CA THR A 259 4.92 -21.40 -24.44
C THR A 259 4.47 -21.48 -25.90
N ASP A 260 3.72 -20.46 -26.31
CA ASP A 260 3.51 -20.18 -27.73
C ASP A 260 3.15 -18.71 -27.94
N MET A 261 2.46 -18.09 -26.99
CA MET A 261 2.20 -16.65 -27.04
C MET A 261 3.36 -15.88 -26.38
N SER A 262 3.56 -14.64 -26.83
CA SER A 262 4.66 -13.81 -26.36
C SER A 262 4.16 -12.40 -26.06
N LEU A 263 5.08 -11.52 -25.67
CA LEU A 263 4.74 -10.17 -25.27
C LEU A 263 5.52 -9.13 -26.07
N HIS A 264 4.88 -7.98 -26.29
CA HIS A 264 5.51 -6.86 -26.97
C HIS A 264 6.82 -6.55 -26.24
N PRO A 265 7.94 -6.29 -26.96
CA PRO A 265 9.23 -6.04 -26.30
C PRO A 265 9.17 -5.03 -25.16
N LEU A 266 8.30 -4.01 -25.31
CA LEU A 266 8.17 -2.95 -24.33
C LEU A 266 7.63 -3.48 -22.98
N LEU A 267 6.58 -4.29 -23.06
CA LEU A 267 6.03 -4.91 -21.87
C LEU A 267 7.04 -5.90 -21.30
N GLN A 268 7.68 -6.68 -22.18
CA GLN A 268 8.74 -7.59 -21.75
C GLN A 268 9.78 -6.88 -20.90
N GLU A 269 10.24 -5.72 -21.39
CA GLU A 269 11.26 -4.98 -20.68
C GLU A 269 10.73 -4.48 -19.34
N ILE A 270 9.49 -3.98 -19.33
CA ILE A 270 8.90 -3.50 -18.08
C ILE A 270 8.86 -4.58 -17.00
N TYR A 271 8.60 -5.84 -17.40
CA TYR A 271 8.52 -6.94 -16.44
C TYR A 271 9.84 -7.56 -16.00
N LYS A 272 10.95 -7.31 -16.73
CA LYS A 272 12.27 -7.69 -16.22
C LYS A 272 12.45 -7.08 -14.82
N ASP A 273 12.58 -7.95 -13.81
CA ASP A 273 12.65 -7.54 -12.41
C ASP A 273 11.36 -6.93 -11.89
N LEU A 274 10.24 -7.42 -12.44
CA LEU A 274 8.88 -7.14 -12.02
C LEU A 274 8.48 -5.68 -12.27
N GLU B 5 -14.65 22.91 15.19
CA GLU B 5 -14.33 21.51 15.50
C GLU B 5 -12.83 21.20 15.53
N SER B 6 -11.96 22.16 15.21
CA SER B 6 -10.54 22.06 15.53
C SER B 6 -10.26 21.56 16.94
N ALA B 7 -10.90 22.21 17.92
CA ALA B 7 -10.77 21.85 19.32
C ALA B 7 -11.15 20.39 19.58
N ASP B 8 -12.18 19.88 18.89
CA ASP B 8 -12.56 18.48 19.00
C ASP B 8 -11.50 17.55 18.41
N LEU B 9 -10.86 17.97 17.31
CA LEU B 9 -9.78 17.20 16.73
C LEU B 9 -8.55 17.18 17.63
N ARG B 10 -8.25 18.32 18.28
CA ARG B 10 -7.17 18.37 19.26
C ARG B 10 -7.51 17.49 20.45
N ALA B 11 -8.77 17.51 20.90
CA ALA B 11 -9.20 16.70 22.03
C ALA B 11 -9.03 15.21 21.72
N LEU B 12 -9.38 14.81 20.49
CA LEU B 12 -9.22 13.44 20.06
C LEU B 12 -7.75 13.02 20.02
N ALA B 13 -6.88 13.90 19.50
CA ALA B 13 -5.45 13.65 19.49
C ALA B 13 -4.87 13.46 20.90
N LYS B 14 -5.28 14.30 21.85
CA LYS B 14 -4.80 14.20 23.22
C LYS B 14 -5.30 12.92 23.88
N HIS B 15 -6.57 12.59 23.65
CA HIS B 15 -7.14 11.37 24.19
C HIS B 15 -6.35 10.14 23.75
N LEU B 16 -6.03 10.09 22.46
CA LEU B 16 -5.27 8.98 21.91
C LEU B 16 -3.83 8.94 22.41
N TYR B 17 -3.17 10.10 22.51
CA TYR B 17 -1.81 10.17 23.02
C TYR B 17 -1.76 9.62 24.45
N ASP B 18 -2.62 10.14 25.33
CA ASP B 18 -2.70 9.69 26.71
C ASP B 18 -2.86 8.17 26.83
N SER B 19 -3.69 7.60 25.97
CA SER B 19 -3.99 6.18 26.04
C SER B 19 -2.86 5.32 25.46
N TYR B 20 -2.18 5.86 24.44
CA TYR B 20 -1.02 5.21 23.84
C TYR B 20 0.11 5.11 24.86
N ILE B 21 0.30 6.14 25.67
CA ILE B 21 1.27 6.09 26.76
C ILE B 21 0.94 5.03 27.80
N LYS B 22 -0.33 4.90 28.17
CA LYS B 22 -0.74 3.91 29.15
C LYS B 22 -0.61 2.48 28.60
N SER B 23 -0.85 2.30 27.30
CA SER B 23 -0.94 0.96 26.72
C SER B 23 0.40 0.30 26.39
N PHE B 24 1.38 1.11 26.00
CA PHE B 24 2.60 0.57 25.42
C PHE B 24 3.73 0.72 26.44
N PRO B 25 4.64 -0.27 26.56
CA PRO B 25 5.61 -0.27 27.66
C PRO B 25 6.74 0.73 27.48
N LEU B 26 7.21 0.92 26.24
CA LEU B 26 8.33 1.79 25.97
C LEU B 26 7.95 2.75 24.84
N THR B 27 7.85 4.05 25.13
CA THR B 27 7.54 5.04 24.11
C THR B 27 8.69 5.28 23.14
N LYS B 28 8.38 5.87 21.98
CA LYS B 28 9.41 6.25 21.04
C LYS B 28 10.41 7.25 21.65
N ALA B 29 9.91 8.19 22.46
CA ALA B 29 10.73 9.20 23.10
C ALA B 29 11.81 8.57 23.98
N LYS B 30 11.40 7.61 24.83
CA LYS B 30 12.37 6.93 25.67
C LYS B 30 13.33 6.09 24.84
N ALA B 31 12.78 5.36 23.85
CA ALA B 31 13.60 4.55 22.99
C ALA B 31 14.68 5.37 22.27
N ARG B 32 14.34 6.55 21.74
CA ARG B 32 15.33 7.39 21.06
C ARG B 32 16.41 7.90 22.01
N ALA B 33 16.04 8.26 23.24
CA ALA B 33 17.02 8.67 24.23
C ALA B 33 18.04 7.57 24.51
N ILE B 34 17.55 6.32 24.56
CA ILE B 34 18.44 5.18 24.75
C ILE B 34 19.30 4.96 23.51
N LEU B 35 18.68 4.98 22.33
CA LEU B 35 19.40 4.65 21.10
C LEU B 35 20.50 5.64 20.72
N THR B 36 20.32 6.92 21.08
CA THR B 36 21.25 7.97 20.69
C THR B 36 22.34 8.23 21.72
N GLY B 37 22.43 7.37 22.74
CA GLY B 37 23.41 7.50 23.80
C GLY B 37 23.13 8.62 24.80
N LYS B 38 21.85 8.98 24.96
CA LYS B 38 21.45 9.91 26.00
C LYS B 38 20.89 9.15 27.22
N LYS B 42 23.09 4.33 32.61
CA LYS B 42 22.41 3.04 32.68
C LYS B 42 22.30 2.44 31.28
N SER B 43 23.46 2.31 30.63
CA SER B 43 23.56 1.69 29.32
C SER B 43 22.76 0.39 29.20
N PRO B 44 22.13 0.09 28.06
CA PRO B 44 21.56 -1.24 27.83
C PRO B 44 22.65 -2.30 27.68
N PHE B 45 22.33 -3.55 28.01
CA PHE B 45 23.20 -4.67 27.71
C PHE B 45 23.18 -4.93 26.21
N VAL B 46 24.37 -5.05 25.61
CA VAL B 46 24.48 -5.16 24.17
C VAL B 46 24.77 -6.59 23.73
N ILE B 47 23.93 -7.11 22.83
CA ILE B 47 24.11 -8.43 22.25
C ILE B 47 24.58 -8.26 20.81
N TYR B 48 25.84 -8.64 20.53
CA TYR B 48 26.45 -8.43 19.22
C TYR B 48 27.02 -9.72 18.64
N ASP B 49 26.97 -10.83 19.40
CA ASP B 49 27.46 -12.13 18.99
C ASP B 49 26.96 -13.23 19.94
N MET B 50 27.40 -14.47 19.71
CA MET B 50 26.92 -15.61 20.46
C MET B 50 27.29 -15.55 21.93
N ASN B 51 28.53 -15.18 22.24
CA ASN B 51 28.98 -15.16 23.63
C ASN B 51 28.23 -14.13 24.47
N SER B 52 27.99 -12.95 23.89
CA SER B 52 27.29 -11.91 24.62
C SER B 52 25.80 -12.26 24.77
N LEU B 53 25.22 -12.91 23.75
CA LEU B 53 23.86 -13.44 23.91
C LEU B 53 23.80 -14.34 25.14
N MET B 54 24.75 -15.28 25.24
CA MET B 54 24.78 -16.21 26.36
C MET B 54 24.85 -15.49 27.70
N MET B 55 25.68 -14.44 27.77
CA MET B 55 25.85 -13.70 29.01
C MET B 55 24.58 -12.89 29.31
N GLY B 56 23.99 -12.29 28.27
CA GLY B 56 22.78 -11.50 28.43
C GLY B 56 21.60 -12.26 29.06
N GLU B 57 21.43 -13.52 28.66
CA GLU B 57 20.31 -14.31 29.18
C GLU B 57 20.65 -14.90 30.55
N ASP B 58 21.95 -15.05 30.84
CA ASP B 58 22.41 -15.51 32.13
C ASP B 58 22.21 -14.46 33.22
N LYS B 59 22.41 -13.19 32.84
CA LYS B 59 22.46 -12.10 33.79
C LYS B 59 21.18 -11.26 33.77
N ILE B 60 20.73 -10.87 32.57
CA ILE B 60 19.57 -10.01 32.45
C ILE B 60 18.26 -10.81 32.47
N LYS B 61 18.30 -12.06 32.00
CA LYS B 61 17.11 -12.92 32.01
C LYS B 61 16.01 -12.50 31.03
N PHE B 62 16.37 -12.23 29.76
CA PHE B 62 15.39 -11.83 28.76
C PHE B 62 14.33 -12.91 28.57
N LYS B 63 13.05 -12.59 28.84
CA LYS B 63 11.98 -13.58 28.77
C LYS B 63 11.64 -14.01 27.33
N HIS B 64 11.47 -15.34 27.18
CA HIS B 64 11.40 -16.05 25.90
C HIS B 64 12.13 -17.40 26.03
N ILE B 65 13.26 -17.44 26.79
CA ILE B 65 14.21 -18.56 26.80
C ILE B 65 13.78 -19.80 27.60
N THR B 66 13.97 -20.99 27.01
CA THR B 66 13.48 -22.24 27.59
C THR B 66 14.20 -23.47 27.00
N SER B 72 14.14 -26.31 21.30
CA SER B 72 15.31 -26.19 20.43
C SER B 72 16.41 -25.37 21.10
N LYS B 73 17.62 -25.93 21.13
CA LYS B 73 18.74 -25.22 21.72
C LYS B 73 19.45 -24.34 20.70
N GLU B 74 18.94 -24.33 19.46
CA GLU B 74 19.67 -23.66 18.41
C GLU B 74 19.34 -22.17 18.36
N VAL B 75 20.38 -21.34 18.37
CA VAL B 75 20.22 -19.92 18.67
C VAL B 75 19.30 -19.20 17.69
N ALA B 76 19.47 -19.48 16.39
CA ALA B 76 18.76 -18.76 15.35
C ALA B 76 17.25 -19.00 15.47
N ILE B 77 16.89 -20.23 15.85
CA ILE B 77 15.51 -20.61 16.10
C ILE B 77 14.98 -19.87 17.33
N ARG B 78 15.78 -19.88 18.41
CA ARG B 78 15.37 -19.24 19.66
C ARG B 78 15.10 -17.75 19.49
N ILE B 79 15.95 -17.06 18.73
CA ILE B 79 15.72 -15.65 18.47
C ILE B 79 14.45 -15.45 17.63
N PHE B 80 14.26 -16.31 16.64
CA PHE B 80 13.10 -16.23 15.78
C PHE B 80 11.83 -16.35 16.62
N GLN B 81 11.82 -17.34 17.52
CA GLN B 81 10.68 -17.61 18.38
C GLN B 81 10.47 -16.45 19.34
N GLY B 82 11.57 -15.84 19.79
CA GLY B 82 11.51 -14.63 20.61
C GLY B 82 10.73 -13.51 19.95
N CYS B 83 10.92 -13.30 18.64
CA CYS B 83 10.15 -12.31 17.90
C CYS B 83 8.66 -12.61 17.97
N GLN B 84 8.31 -13.88 17.79
CA GLN B 84 6.92 -14.33 17.85
C GLN B 84 6.31 -14.09 19.23
N PHE B 85 7.02 -14.51 20.28
CA PHE B 85 6.56 -14.33 21.64
C PHE B 85 6.27 -12.86 21.98
N ARG B 86 7.20 -11.94 21.62
CA ARG B 86 6.98 -10.54 21.87
C ARG B 86 5.82 -9.96 21.05
N SER B 87 5.66 -10.44 19.81
CA SER B 87 4.57 -9.98 18.97
C SER B 87 3.19 -10.33 19.54
N VAL B 88 3.11 -11.51 20.17
CA VAL B 88 1.90 -11.92 20.89
C VAL B 88 1.59 -11.01 22.07
N GLU B 89 2.62 -10.59 22.82
CA GLU B 89 2.41 -9.59 23.86
C GLU B 89 1.89 -8.29 23.25
N ALA B 90 2.48 -7.91 22.10
CA ALA B 90 2.10 -6.66 21.46
C ALA B 90 0.64 -6.68 21.02
N VAL B 91 0.16 -7.82 20.52
CA VAL B 91 -1.25 -7.95 20.16
C VAL B 91 -2.17 -7.53 21.32
N GLN B 92 -1.85 -7.99 22.53
CA GLN B 92 -2.69 -7.63 23.67
C GLN B 92 -2.59 -6.14 24.01
N GLU B 93 -1.42 -5.53 23.86
CA GLU B 93 -1.30 -4.10 24.09
C GLU B 93 -2.09 -3.29 23.06
N ILE B 94 -2.00 -3.69 21.79
CA ILE B 94 -2.72 -3.04 20.72
C ILE B 94 -4.25 -3.18 20.90
N THR B 95 -4.70 -4.36 21.35
CA THR B 95 -6.10 -4.60 21.62
C THR B 95 -6.64 -3.68 22.72
N GLU B 96 -5.85 -3.48 23.77
CA GLU B 96 -6.26 -2.59 24.85
C GLU B 96 -6.33 -1.13 24.37
N TYR B 97 -5.32 -0.70 23.60
CA TYR B 97 -5.33 0.61 22.99
C TYR B 97 -6.55 0.83 22.09
N ALA B 98 -6.85 -0.13 21.21
CA ALA B 98 -8.02 -0.06 20.35
C ALA B 98 -9.31 0.28 21.09
N LYS B 99 -9.53 -0.35 22.26
CA LYS B 99 -10.73 -0.09 23.05
C LYS B 99 -10.85 1.37 23.49
N SER B 100 -9.73 2.11 23.52
CA SER B 100 -9.77 3.51 23.90
C SER B 100 -10.11 4.44 22.73
N ILE B 101 -10.13 3.92 21.50
CA ILE B 101 -10.48 4.72 20.34
C ILE B 101 -11.98 5.00 20.31
N PRO B 102 -12.43 6.28 20.35
CA PRO B 102 -13.85 6.59 20.40
C PRO B 102 -14.64 5.97 19.26
N GLY B 103 -15.66 5.20 19.61
CA GLY B 103 -16.52 4.52 18.65
C GLY B 103 -16.20 3.04 18.50
N PHE B 104 -14.95 2.63 18.80
CA PHE B 104 -14.50 1.29 18.49
C PHE B 104 -15.31 0.24 19.23
N VAL B 105 -15.55 0.43 20.53
CA VAL B 105 -16.23 -0.60 21.32
C VAL B 105 -17.71 -0.68 20.97
N ASN B 106 -18.25 0.34 20.28
CA ASN B 106 -19.63 0.32 19.85
C ASN B 106 -19.85 -0.40 18.53
N LEU B 107 -18.77 -0.75 17.82
CA LEU B 107 -18.90 -1.53 16.60
C LEU B 107 -19.39 -2.94 16.91
N ASP B 108 -20.02 -3.60 15.93
CA ASP B 108 -20.30 -5.01 16.01
C ASP B 108 -19.08 -5.79 16.50
N LEU B 109 -19.30 -6.75 17.40
CA LEU B 109 -18.18 -7.45 18.03
C LEU B 109 -17.34 -8.28 17.05
N ASN B 110 -17.99 -8.91 16.06
CA ASN B 110 -17.26 -9.61 15.01
C ASN B 110 -16.34 -8.66 14.23
N ASP B 111 -16.81 -7.43 13.96
CA ASP B 111 -16.03 -6.43 13.25
C ASP B 111 -14.84 -5.93 14.07
N GLN B 112 -14.99 -5.82 15.39
CA GLN B 112 -13.86 -5.49 16.26
C GLN B 112 -12.76 -6.54 16.10
N VAL B 113 -13.15 -7.82 16.16
CA VAL B 113 -12.21 -8.93 16.02
C VAL B 113 -11.54 -8.90 14.65
N THR B 114 -12.34 -8.74 13.59
CA THR B 114 -11.81 -8.63 12.24
C THR B 114 -10.78 -7.51 12.07
N LEU B 115 -11.11 -6.30 12.57
CA LEU B 115 -10.22 -5.16 12.43
C LEU B 115 -8.88 -5.43 13.12
N LEU B 116 -8.93 -6.00 14.34
CA LEU B 116 -7.71 -6.30 15.08
C LEU B 116 -6.90 -7.40 14.38
N LYS B 117 -7.60 -8.45 13.95
CA LYS B 117 -6.95 -9.58 13.32
C LYS B 117 -6.10 -9.19 12.11
N TYR B 118 -6.67 -8.32 11.25
CA TYR B 118 -6.00 -7.92 10.02
C TYR B 118 -5.16 -6.64 10.15
N GLY B 119 -5.18 -5.98 11.31
CA GLY B 119 -4.43 -4.77 11.54
C GLY B 119 -3.16 -4.96 12.35
N VAL B 120 -3.16 -5.98 13.23
CA VAL B 120 -2.09 -6.09 14.20
C VAL B 120 -0.72 -6.21 13.54
N HIS B 121 -0.61 -6.92 12.42
CA HIS B 121 0.69 -7.07 11.75
C HIS B 121 1.29 -5.73 11.32
N GLU B 122 0.48 -4.92 10.65
CA GLU B 122 0.88 -3.60 10.17
C GLU B 122 1.29 -2.71 11.34
N ILE B 123 0.54 -2.79 12.44
CA ILE B 123 0.83 -1.98 13.60
C ILE B 123 2.13 -2.41 14.30
N ILE B 124 2.37 -3.72 14.38
CA ILE B 124 3.58 -4.22 15.00
C ILE B 124 4.81 -3.75 14.23
N TYR B 125 4.77 -3.83 12.89
CA TYR B 125 5.85 -3.32 12.05
C TYR B 125 6.09 -1.83 12.32
N THR B 126 5.00 -1.06 12.37
CA THR B 126 5.07 0.38 12.56
C THR B 126 5.78 0.72 13.86
N MET B 127 5.37 0.02 14.92
CA MET B 127 5.80 0.36 16.25
C MET B 127 7.19 -0.20 16.54
N LEU B 128 7.55 -1.30 15.85
CA LEU B 128 8.89 -1.86 15.91
C LEU B 128 9.94 -0.84 15.46
N ALA B 129 9.60 -0.05 14.44
CA ALA B 129 10.49 1.00 13.96
C ALA B 129 10.87 1.99 15.06
N SER B 130 9.95 2.27 15.98
CA SER B 130 10.24 3.14 17.10
C SER B 130 11.41 2.65 17.95
N LEU B 131 11.65 1.34 17.92
CA LEU B 131 12.65 0.68 18.75
C LEU B 131 13.95 0.42 18.00
N MET B 132 14.00 0.79 16.70
CA MET B 132 15.10 0.46 15.82
C MET B 132 15.81 1.71 15.32
N ASN B 133 17.11 1.56 15.06
CA ASN B 133 17.83 2.47 14.19
C ASN B 133 18.60 1.59 13.22
N LYS B 134 19.51 2.18 12.45
CA LYS B 134 20.24 1.44 11.44
C LYS B 134 21.22 0.40 12.00
N ASP B 135 21.50 0.45 13.31
CA ASP B 135 22.48 -0.42 13.93
C ASP B 135 21.92 -1.53 14.81
N GLY B 136 20.63 -1.45 15.19
CA GLY B 136 20.00 -2.53 15.93
C GLY B 136 18.65 -2.20 16.58
N VAL B 137 18.23 -3.05 17.53
CA VAL B 137 16.89 -2.99 18.10
C VAL B 137 16.92 -3.09 19.62
N LEU B 138 16.13 -2.23 20.28
CA LEU B 138 15.93 -2.35 21.71
C LEU B 138 15.01 -3.51 22.05
N ILE B 139 15.32 -4.20 23.15
CA ILE B 139 14.51 -5.30 23.65
C ILE B 139 14.33 -5.20 25.17
N SER B 140 13.35 -5.97 25.68
CA SER B 140 13.00 -5.97 27.09
C SER B 140 12.83 -4.57 27.65
N GLU B 141 11.93 -3.82 27.03
CA GLU B 141 11.64 -2.46 27.45
C GLU B 141 12.93 -1.64 27.52
N GLY B 142 13.83 -1.82 26.53
CA GLY B 142 15.01 -0.99 26.42
C GLY B 142 16.18 -1.37 27.32
N GLN B 143 16.08 -2.48 28.04
CA GLN B 143 17.18 -2.98 28.86
C GLN B 143 18.28 -3.63 28.03
N GLY B 144 17.93 -4.06 26.80
CA GLY B 144 18.88 -4.71 25.92
C GLY B 144 18.88 -4.04 24.55
N PHE B 145 20.01 -4.18 23.84
CA PHE B 145 20.15 -3.72 22.47
C PHE B 145 20.82 -4.86 21.69
N MET B 146 20.11 -5.38 20.69
CA MET B 146 20.64 -6.45 19.88
C MET B 146 21.01 -5.87 18.51
N THR B 147 22.25 -6.13 18.06
CA THR B 147 22.74 -5.49 16.85
C THR B 147 22.11 -6.09 15.59
N ARG B 148 21.98 -5.22 14.58
CA ARG B 148 21.50 -5.60 13.26
C ARG B 148 22.39 -6.62 12.57
N GLU B 149 23.71 -6.48 12.75
CA GLU B 149 24.66 -7.38 12.13
C GLU B 149 24.53 -8.79 12.70
N PHE B 150 24.32 -8.89 14.02
CA PHE B 150 24.06 -10.19 14.64
C PHE B 150 22.78 -10.84 14.08
N LEU B 151 21.69 -10.08 14.07
CA LEU B 151 20.41 -10.59 13.56
C LEU B 151 20.52 -11.06 12.11
N LYS B 152 21.07 -10.21 11.24
CA LYS B 152 21.26 -10.52 9.83
C LYS B 152 22.22 -11.68 9.56
N SER B 153 23.20 -11.91 10.44
CA SER B 153 24.15 -12.99 10.24
C SER B 153 23.64 -14.35 10.70
N LEU B 154 22.46 -14.39 11.32
CA LEU B 154 21.82 -15.68 11.63
C LEU B 154 21.69 -16.49 10.34
N ARG B 155 21.78 -17.82 10.45
CA ARG B 155 21.97 -18.62 9.25
C ARG B 155 20.66 -18.86 8.51
N LYS B 156 20.81 -19.51 7.34
CA LYS B 156 19.73 -20.08 6.54
C LYS B 156 18.72 -18.98 6.27
N PRO B 157 17.37 -19.17 6.36
CA PRO B 157 16.46 -18.08 6.11
C PRO B 157 16.27 -17.12 7.28
N PHE B 158 16.88 -17.39 8.45
CA PHE B 158 16.56 -16.59 9.64
C PHE B 158 17.16 -15.19 9.56
N GLY B 159 18.40 -15.10 9.07
CA GLY B 159 19.04 -13.82 8.84
C GLY B 159 18.24 -12.93 7.90
N ASP B 160 17.85 -13.47 6.74
CA ASP B 160 17.07 -12.74 5.75
C ASP B 160 15.63 -12.46 6.18
N PHE B 161 15.19 -13.11 7.25
CA PHE B 161 13.89 -12.82 7.84
C PHE B 161 13.95 -11.56 8.71
N MET B 162 15.12 -11.31 9.31
CA MET B 162 15.28 -10.19 10.22
C MET B 162 15.53 -8.88 9.48
N GLU B 163 16.38 -8.92 8.44
CA GLU B 163 16.86 -7.73 7.76
C GLU B 163 15.78 -6.83 7.15
N PRO B 164 14.73 -7.36 6.45
CA PRO B 164 13.66 -6.51 5.92
C PRO B 164 13.01 -5.59 6.92
N LYS B 165 12.96 -5.99 8.20
CA LYS B 165 12.39 -5.15 9.25
C LYS B 165 13.20 -3.88 9.47
N PHE B 166 14.54 -4.00 9.49
CA PHE B 166 15.42 -2.84 9.59
C PHE B 166 15.30 -1.94 8.37
N GLU B 167 15.19 -2.56 7.18
CA GLU B 167 15.10 -1.83 5.93
C GLU B 167 13.86 -0.92 5.91
N PHE B 168 12.73 -1.46 6.39
CA PHE B 168 11.53 -0.67 6.56
C PHE B 168 11.71 0.42 7.61
N ALA B 169 12.18 0.04 8.80
CA ALA B 169 12.28 0.97 9.91
C ALA B 169 13.11 2.20 9.58
N VAL B 170 14.23 1.99 8.86
CA VAL B 170 15.11 3.09 8.51
C VAL B 170 14.39 4.13 7.66
N LYS B 171 13.65 3.66 6.65
CA LYS B 171 12.84 4.54 5.83
C LYS B 171 11.71 5.21 6.60
N PHE B 172 11.00 4.45 7.44
CA PHE B 172 9.88 5.01 8.16
C PHE B 172 10.34 6.08 9.15
N ASN B 173 11.45 5.80 9.84
CA ASN B 173 11.98 6.70 10.85
C ASN B 173 12.48 8.02 10.28
N ALA B 174 12.78 8.06 8.97
CA ALA B 174 13.11 9.30 8.29
C ALA B 174 12.00 10.36 8.32
N LEU B 175 10.75 9.96 8.55
CA LEU B 175 9.66 10.92 8.72
C LEU B 175 9.69 11.64 10.06
N GLU B 176 10.44 11.08 11.03
CA GLU B 176 10.64 11.68 12.34
C GLU B 176 9.32 11.96 13.09
N LEU B 177 8.41 10.99 13.04
CA LEU B 177 7.18 11.06 13.80
C LEU B 177 7.53 10.94 15.28
N ASP B 178 6.74 11.61 16.12
CA ASP B 178 6.80 11.37 17.54
C ASP B 178 5.56 10.61 18.00
N ASP B 179 5.52 10.27 19.29
CA ASP B 179 4.46 9.47 19.86
C ASP B 179 3.06 10.05 19.63
N SER B 180 2.90 11.38 19.74
CA SER B 180 1.59 12.00 19.54
C SER B 180 1.08 11.84 18.10
N ASP B 181 2.01 11.80 17.14
CA ASP B 181 1.71 11.50 15.74
C ASP B 181 1.31 10.03 15.58
N LEU B 182 2.13 9.14 16.16
CA LEU B 182 1.95 7.72 15.99
C LEU B 182 0.66 7.21 16.62
N ALA B 183 0.26 7.80 17.75
CA ALA B 183 -0.98 7.41 18.40
C ALA B 183 -2.15 7.52 17.43
N ILE B 184 -2.20 8.60 16.66
CA ILE B 184 -3.30 8.77 15.71
C ILE B 184 -3.15 7.85 14.50
N PHE B 185 -1.91 7.72 13.99
CA PHE B 185 -1.64 6.86 12.86
C PHE B 185 -2.04 5.41 13.07
N ILE B 186 -1.71 4.87 14.25
CA ILE B 186 -2.04 3.51 14.64
C ILE B 186 -3.56 3.32 14.64
N ALA B 187 -4.29 4.32 15.16
CA ALA B 187 -5.74 4.30 15.17
C ALA B 187 -6.32 4.24 13.76
N VAL B 188 -5.79 5.06 12.84
CA VAL B 188 -6.16 5.05 11.44
C VAL B 188 -6.00 3.65 10.83
N ILE B 189 -4.87 2.99 11.07
CA ILE B 189 -4.67 1.62 10.61
C ILE B 189 -5.74 0.65 11.12
N ILE B 190 -6.08 0.72 12.40
CA ILE B 190 -7.03 -0.21 13.00
C ILE B 190 -8.39 -0.07 12.33
N LEU B 191 -8.85 1.17 12.15
CA LEU B 191 -10.15 1.48 11.57
C LEU B 191 -10.15 1.48 10.05
N SER B 192 -9.62 0.42 9.43
CA SER B 192 -9.62 0.25 7.98
C SER B 192 -10.86 -0.50 7.52
N GLY B 193 -11.71 0.18 6.74
CA GLY B 193 -12.95 -0.39 6.27
C GLY B 193 -12.84 -1.40 5.13
N ASP B 194 -11.62 -1.67 4.65
CA ASP B 194 -11.43 -2.60 3.56
C ASP B 194 -10.95 -3.97 4.02
N ARG B 195 -10.98 -4.25 5.33
CA ARG B 195 -10.59 -5.55 5.82
C ARG B 195 -11.58 -6.62 5.33
N PRO B 196 -11.14 -7.86 5.03
CA PRO B 196 -12.07 -8.88 4.56
C PRO B 196 -13.07 -9.31 5.64
N GLY B 197 -14.33 -9.44 5.24
CA GLY B 197 -15.37 -10.01 6.08
C GLY B 197 -16.03 -9.03 7.03
N LEU B 198 -15.74 -7.73 6.88
CA LEU B 198 -16.42 -6.72 7.69
C LEU B 198 -17.91 -6.76 7.37
N LEU B 199 -18.74 -6.72 8.41
CA LEU B 199 -20.18 -6.72 8.25
C LEU B 199 -20.77 -5.33 8.03
N ASN B 200 -20.26 -4.34 8.76
CA ASN B 200 -20.82 -2.99 8.72
C ASN B 200 -19.74 -1.94 8.51
N VAL B 201 -19.43 -1.67 7.25
CA VAL B 201 -18.27 -0.86 6.88
C VAL B 201 -18.48 0.62 7.22
N LYS B 202 -19.72 1.10 7.10
CA LYS B 202 -20.00 2.51 7.24
C LYS B 202 -19.49 3.14 8.53
N PRO B 203 -19.84 2.62 9.74
CA PRO B 203 -19.36 3.21 10.98
C PRO B 203 -17.85 3.15 11.16
N ILE B 204 -17.18 2.17 10.56
CA ILE B 204 -15.72 2.11 10.53
C ILE B 204 -15.14 3.27 9.72
N GLU B 205 -15.62 3.47 8.50
CA GLU B 205 -15.13 4.59 7.69
C GLU B 205 -15.45 5.94 8.32
N ASP B 206 -16.60 6.07 9.00
CA ASP B 206 -16.93 7.30 9.70
C ASP B 206 -15.91 7.63 10.79
N ILE B 207 -15.50 6.62 11.59
CA ILE B 207 -14.51 6.86 12.62
C ILE B 207 -13.16 7.18 11.98
N GLN B 208 -12.80 6.43 10.94
CA GLN B 208 -11.54 6.67 10.27
C GLN B 208 -11.44 8.10 9.71
N ASP B 209 -12.55 8.61 9.15
CA ASP B 209 -12.56 9.99 8.65
C ASP B 209 -12.22 10.99 9.76
N ASN B 210 -12.78 10.76 10.95
CA ASN B 210 -12.45 11.61 12.09
C ASN B 210 -10.98 11.53 12.46
N LEU B 211 -10.44 10.31 12.48
CA LEU B 211 -9.06 10.08 12.84
C LEU B 211 -8.11 10.71 11.81
N LEU B 212 -8.47 10.58 10.53
CA LEU B 212 -7.68 11.17 9.45
C LEU B 212 -7.65 12.70 9.54
N GLN B 213 -8.81 13.31 9.84
CA GLN B 213 -8.86 14.73 10.11
C GLN B 213 -7.96 15.12 11.27
N ALA B 214 -7.97 14.29 12.32
CA ALA B 214 -7.20 14.58 13.51
C ALA B 214 -5.71 14.46 13.24
N LEU B 215 -5.35 13.46 12.43
CA LEU B 215 -3.97 13.22 12.06
C LEU B 215 -3.44 14.36 11.19
N GLU B 216 -4.26 14.81 10.25
CA GLU B 216 -3.93 15.93 9.37
C GLU B 216 -3.57 17.18 10.17
N LEU B 217 -4.46 17.58 11.08
CA LEU B 217 -4.23 18.77 11.89
C LEU B 217 -3.01 18.61 12.80
N GLN B 218 -2.86 17.41 13.41
CA GLN B 218 -1.74 17.11 14.29
C GLN B 218 -0.42 17.34 13.55
N LEU B 219 -0.32 16.82 12.32
CA LEU B 219 0.91 16.88 11.56
C LEU B 219 1.23 18.29 11.09
N LYS B 220 0.20 19.09 10.79
CA LYS B 220 0.42 20.47 10.39
C LYS B 220 0.90 21.33 11.55
N LEU B 221 0.35 21.10 12.75
CA LEU B 221 0.76 21.84 13.92
C LEU B 221 2.11 21.38 14.49
N ASN B 222 2.36 20.07 14.43
CA ASN B 222 3.56 19.52 15.04
C ASN B 222 4.76 19.57 14.09
N HIS B 223 4.51 19.60 12.78
CA HIS B 223 5.56 19.64 11.78
C HIS B 223 5.19 20.62 10.68
N PRO B 224 5.04 21.94 10.99
CA PRO B 224 4.55 22.90 10.01
C PRO B 224 5.51 23.15 8.85
N GLU B 225 6.80 22.85 9.04
CA GLU B 225 7.81 23.00 8.01
C GLU B 225 7.92 21.78 7.10
N SER B 226 7.19 20.71 7.43
CA SER B 226 7.33 19.44 6.74
C SER B 226 6.19 19.24 5.74
N SER B 227 6.37 19.75 4.52
CA SER B 227 5.30 19.82 3.53
C SER B 227 4.74 18.45 3.15
N GLN B 228 3.42 18.37 3.06
CA GLN B 228 2.73 17.14 2.66
C GLN B 228 3.19 15.90 3.42
N LEU B 229 3.51 16.05 4.71
CA LEU B 229 3.85 14.92 5.54
C LEU B 229 2.65 13.99 5.75
N PHE B 230 1.44 14.56 5.80
CA PHE B 230 0.22 13.78 5.86
C PHE B 230 0.19 12.74 4.73
N ALA B 231 0.34 13.23 3.50
CA ALA B 231 0.37 12.38 2.31
C ALA B 231 1.51 11.35 2.33
N LYS B 232 2.72 11.77 2.71
CA LYS B 232 3.86 10.86 2.78
C LYS B 232 3.61 9.72 3.75
N LEU B 233 2.97 10.03 4.88
CA LEU B 233 2.66 9.03 5.89
C LEU B 233 1.62 8.04 5.39
N LEU B 234 0.56 8.51 4.73
CA LEU B 234 -0.43 7.62 4.12
C LEU B 234 0.21 6.75 3.03
N GLN B 235 1.15 7.30 2.27
CA GLN B 235 1.90 6.50 1.31
C GLN B 235 2.71 5.37 1.97
N LYS B 236 3.09 5.52 3.24
CA LYS B 236 3.73 4.43 3.95
C LYS B 236 2.81 3.24 4.24
N MET B 237 1.49 3.47 4.21
CA MET B 237 0.56 2.36 4.33
C MET B 237 0.73 1.38 3.17
N THR B 238 1.27 1.86 2.05
CA THR B 238 1.66 0.98 0.96
C THR B 238 2.86 0.07 1.28
N ASP B 239 3.91 0.64 1.86
CA ASP B 239 5.04 -0.17 2.31
C ASP B 239 4.61 -1.20 3.36
N LEU B 240 3.62 -0.83 4.20
CA LEU B 240 3.19 -1.71 5.28
C LEU B 240 2.47 -2.93 4.73
N ARG B 241 1.51 -2.70 3.82
CA ARG B 241 0.76 -3.77 3.21
C ARG B 241 1.67 -4.75 2.46
N GLN B 242 2.65 -4.20 1.74
CA GLN B 242 3.55 -5.02 0.96
C GLN B 242 4.42 -5.91 1.83
N ILE B 243 5.00 -5.34 2.89
CA ILE B 243 5.93 -6.10 3.72
C ILE B 243 5.21 -7.15 4.56
N VAL B 244 3.99 -6.86 5.03
CA VAL B 244 3.19 -7.87 5.70
C VAL B 244 2.93 -9.07 4.78
N THR B 245 2.65 -8.81 3.49
CA THR B 245 2.50 -9.86 2.50
C THR B 245 3.76 -10.71 2.30
N GLU B 246 4.90 -10.05 2.17
CA GLU B 246 6.17 -10.76 2.09
C GLU B 246 6.41 -11.61 3.34
N HIS B 247 6.16 -11.00 4.50
CA HIS B 247 6.31 -11.65 5.79
C HIS B 247 5.59 -12.99 5.87
N VAL B 248 4.32 -13.00 5.44
CA VAL B 248 3.51 -14.20 5.41
C VAL B 248 4.15 -15.30 4.57
N GLN B 249 4.64 -14.92 3.39
CA GLN B 249 5.32 -15.87 2.52
C GLN B 249 6.64 -16.37 3.09
N LEU B 250 7.36 -15.51 3.83
CA LEU B 250 8.60 -15.93 4.46
C LEU B 250 8.31 -16.95 5.55
N LEU B 251 7.31 -16.65 6.39
CA LEU B 251 6.90 -17.56 7.45
C LEU B 251 6.55 -18.95 6.94
N GLN B 252 5.84 -19.00 5.80
CA GLN B 252 5.38 -20.25 5.22
C GLN B 252 6.52 -21.15 4.74
N VAL B 253 7.55 -20.54 4.14
CA VAL B 253 8.74 -21.27 3.74
C VAL B 253 9.47 -21.86 4.95
N ILE B 254 9.51 -21.09 6.04
CA ILE B 254 10.17 -21.55 7.26
C ILE B 254 9.45 -22.77 7.86
N LYS B 255 8.12 -22.71 7.90
CA LYS B 255 7.33 -23.79 8.46
C LYS B 255 7.53 -25.09 7.68
N LYS B 256 7.59 -25.00 6.34
CA LYS B 256 7.74 -26.17 5.49
C LYS B 256 9.15 -26.74 5.50
N THR B 257 10.12 -25.92 5.89
CA THR B 257 11.53 -26.26 5.79
C THR B 257 12.11 -26.78 7.09
N GLU B 258 11.69 -26.18 8.21
CA GLU B 258 12.35 -26.40 9.48
C GLU B 258 11.72 -27.51 10.33
N THR B 259 12.51 -28.56 10.60
CA THR B 259 12.09 -29.68 11.44
C THR B 259 12.28 -29.53 12.96
N ASP B 260 13.03 -28.49 13.38
CA ASP B 260 13.44 -28.34 14.77
C ASP B 260 12.73 -27.18 15.46
N MET B 261 11.53 -26.83 14.98
CA MET B 261 10.82 -25.65 15.46
C MET B 261 9.86 -25.99 16.60
N SER B 262 9.89 -27.25 17.06
CA SER B 262 8.81 -27.76 17.91
C SER B 262 8.77 -27.11 19.29
N LEU B 263 7.56 -26.75 19.74
CA LEU B 263 7.32 -26.28 21.09
C LEU B 263 6.18 -27.15 21.66
N HIS B 264 5.96 -27.08 22.98
CA HIS B 264 4.80 -27.70 23.60
C HIS B 264 3.53 -27.29 22.83
N PRO B 265 2.60 -28.22 22.55
CA PRO B 265 1.41 -27.90 21.76
C PRO B 265 0.63 -26.68 22.26
N LEU B 266 0.64 -26.47 23.59
CA LEU B 266 -0.05 -25.34 24.19
C LEU B 266 0.61 -24.00 23.84
N LEU B 267 1.95 -23.94 23.85
CA LEU B 267 2.65 -22.78 23.32
C LEU B 267 2.35 -22.58 21.83
N GLN B 268 2.39 -23.68 21.07
CA GLN B 268 2.05 -23.63 19.66
C GLN B 268 0.68 -23.00 19.45
N GLU B 269 -0.29 -23.42 20.25
CA GLU B 269 -1.63 -22.86 20.19
C GLU B 269 -1.64 -21.37 20.48
N ILE B 270 -0.92 -20.95 21.52
CA ILE B 270 -0.84 -19.54 21.88
C ILE B 270 -0.35 -18.68 20.71
N TYR B 271 0.60 -19.19 19.92
CA TYR B 271 1.18 -18.43 18.81
C TYR B 271 0.53 -18.61 17.44
N LYS B 272 -0.54 -19.40 17.34
CA LYS B 272 -1.10 -19.78 16.05
C LYS B 272 -1.34 -18.58 15.13
N ASP B 273 -1.62 -17.39 15.68
CA ASP B 273 -1.91 -16.19 14.91
C ASP B 273 -0.68 -15.63 14.17
N LEU B 274 0.53 -15.90 14.68
CA LEU B 274 1.74 -15.25 14.16
C LEU B 274 2.76 -16.19 13.52
N TYR B 275 2.32 -17.44 13.26
CA TYR B 275 3.17 -18.47 12.66
C TYR B 275 2.47 -19.01 11.41
N1 A1IPX C . -5.12 -4.89 -19.92
C1 A1IPX C . -7.41 0.61 -22.56
C6 A1IPX C . -6.35 -4.56 -20.27
C5 A1IPX C . -6.60 -3.28 -20.95
C4 A1IPX C . -5.92 -2.15 -20.48
N2 A1IPX C . -5.20 -6.08 -19.23
C3 A1IPX C . -6.16 -0.91 -21.00
C2 A1IPX C . -7.12 -0.74 -21.99
O1 A1IPX C . -8.08 0.66 -23.63
O2 A1IPX C . -6.97 1.61 -21.93
C7 A1IPX C . -4.04 -6.66 -18.70
O3 A1IPX C . -4.10 -7.79 -18.28
C8 A1IPX C . -2.81 -5.81 -18.59
C9 A1IPX C . -2.82 -4.69 -17.75
CL1 A1IPX C . -4.22 -4.24 -16.82
C10 A1IPX C . -1.69 -3.89 -17.60
C11 A1IPX C . -0.54 -4.21 -18.29
C12 A1IPX C . -0.51 -5.30 -19.13
C13 A1IPX C . -1.62 -6.11 -19.30
C14 A1IPX C . -1.51 -7.29 -20.20
F1 A1IPX C . -0.52 -7.17 -21.08
F2 A1IPX C . -1.19 -8.39 -19.55
F3 A1IPX C . -2.62 -7.56 -20.87
C15 A1IPX C . -6.53 -6.47 -19.07
C16 A1IPX C . -7.14 -7.55 -18.42
C17 A1IPX C . -8.51 -7.61 -18.42
C18 A1IPX C . -9.26 -6.63 -19.08
CL2 A1IPX C . -11.01 -6.74 -19.07
C19 A1IPX C . -8.68 -5.59 -19.75
C20 A1IPX C . -7.29 -5.49 -19.73
C21 A1IPX C . -7.61 -3.09 -21.91
O4 A1IPX C . -8.32 -4.19 -22.36
C22 A1IPX C . -8.51 -4.28 -23.78
C23 A1IPX C . -9.71 -5.13 -24.13
C24 A1IPX C . -10.09 -6.14 -23.07
C25 A1IPX C . -11.12 -7.13 -23.60
C26 A1IPX C . -10.68 -7.72 -24.91
C27 A1IPX C . -10.30 -6.64 -25.89
O5 A1IPX C . -9.31 -5.76 -25.35
C28 A1IPX C . -7.85 -1.85 -22.44
N1 A1IPX D . 8.61 -8.87 15.54
C1 A1IPX D . 8.19 -4.65 20.44
C6 A1IPX D . 9.58 -8.28 16.20
C5 A1IPX D . 9.24 -7.45 17.36
C4 A1IPX D . 8.11 -6.63 17.24
N2 A1IPX D . 9.18 -9.49 14.44
C3 A1IPX D . 7.77 -5.76 18.24
C2 A1IPX D . 8.56 -5.63 19.38
O1 A1IPX D . 8.79 -4.72 21.52
O2 A1IPX D . 7.34 -3.78 20.17
C7 A1IPX D . 8.43 -10.18 13.51
O3 A1IPX D . 8.92 -10.96 12.72
C8 A1IPX D . 6.96 -9.88 13.45
C9 A1IPX D . 6.51 -8.63 13.04
CL1 A1IPX D . 7.62 -7.36 12.65
C10 A1IPX D . 5.16 -8.36 12.93
C11 A1IPX D . 4.25 -9.34 13.25
C12 A1IPX D . 4.67 -10.59 13.66
C13 A1IPX D . 6.03 -10.88 13.74
C14 A1IPX D . 6.48 -12.25 14.19
F1 A1IPX D . 6.80 -13.03 13.18
F2 A1IPX D . 7.59 -12.19 14.97
F3 A1IPX D . 5.53 -12.91 14.82
C15 A1IPX D . 10.53 -9.19 14.35
C16 A1IPX D . 11.52 -9.54 13.43
C17 A1IPX D . 12.79 -9.02 13.63
C18 A1IPX D . 13.06 -8.22 14.75
CL2 A1IPX D . 14.68 -7.60 14.95
C19 A1IPX D . 12.11 -7.92 15.70
C20 A1IPX D . 10.81 -8.39 15.48
C21 A1IPX D . 10.07 -7.29 18.49
O4 A1IPX D . 11.16 -8.11 18.55
C22 A1IPX D . 11.59 -8.40 19.89
C23 A1IPX D . 12.98 -8.99 19.93
C24 A1IPX D . 13.54 -9.49 18.63
C25 A1IPX D . 14.92 -10.08 18.84
C26 A1IPX D . 14.92 -11.08 19.98
C27 A1IPX D . 14.20 -10.55 21.20
O5 A1IPX D . 12.90 -10.07 20.86
C28 A1IPX D . 9.71 -6.40 19.49
#